data_4A87
#
_entry.id   4A87
#
_cell.length_a   32.650
_cell.length_b   55.420
_cell.length_c   37.890
_cell.angle_alpha   90.00
_cell.angle_beta   93.28
_cell.angle_gamma   90.00
#
_symmetry.space_group_name_H-M   'P 1 21 1'
#
loop_
_entity.id
_entity.type
_entity.pdbx_description
1 polymer 'MAJOR POLLEN ALLERGEN BET V 1-A'
2 non-polymer (4S)-2-METHYL-2,4-PENTANEDIOL
3 non-polymer NARINGENIN
4 non-polymer 'SODIUM ION'
5 non-polymer 'SULFATE ION'
6 water water
#
_entity_poly.entity_id   1
_entity_poly.type   'polypeptide(L)'
_entity_poly.pdbx_seq_one_letter_code
;GVFNYETETTSVIPAARLFKAFILDGDNLFPKVAPQAISSVENIEGNGGPGTIKKISFPEGFPFKYVKDRVDEVDHTNFK
YNYSVIEGGPIGDTLEKISNEIKIVATPDGGSILKISNKYHTKGDHEVKAEQVKASKEMGETLLRAVESYLLAHSDAYN
;
_entity_poly.pdbx_strand_id   A
#
# COMPACT_ATOMS: atom_id res chain seq x y z
N GLY A 1 -12.75 17.65 -4.89
CA GLY A 1 -13.65 16.52 -5.23
C GLY A 1 -12.90 15.23 -5.17
N VAL A 2 -13.53 14.13 -5.58
CA VAL A 2 -12.92 12.83 -5.46
C VAL A 2 -12.92 12.07 -6.76
N PHE A 3 -11.76 11.55 -7.11
CA PHE A 3 -11.58 10.66 -8.25
C PHE A 3 -11.38 9.26 -7.70
N ASN A 4 -12.16 8.30 -8.16
CA ASN A 4 -12.08 6.92 -7.72
C ASN A 4 -11.52 6.02 -8.79
N TYR A 5 -10.53 5.22 -8.43
CA TYR A 5 -9.90 4.24 -9.29
C TYR A 5 -9.94 2.89 -8.62
N GLU A 6 -10.30 1.86 -9.31
CA GLU A 6 -10.36 0.52 -8.77
C GLU A 6 -9.59 -0.42 -9.67
N THR A 7 -8.92 -1.39 -9.08
CA THR A 7 -8.27 -2.43 -9.83
C THR A 7 -8.27 -3.71 -9.00
N GLU A 8 -8.00 -4.80 -9.67
CA GLU A 8 -7.90 -6.09 -9.00
C GLU A 8 -6.68 -6.78 -9.55
N THR A 9 -6.05 -7.59 -8.73
CA THR A 9 -4.91 -8.42 -9.15
C THR A 9 -5.00 -9.71 -8.35
N THR A 10 -4.23 -10.69 -8.75
CA THR A 10 -4.23 -12.00 -8.11
C THR A 10 -2.88 -12.27 -7.48
N SER A 11 -2.89 -13.18 -6.51
CA SER A 11 -1.68 -13.74 -5.91
C SER A 11 -1.80 -15.24 -5.76
N VAL A 12 -0.63 -15.93 -5.74
CA VAL A 12 -0.59 -17.38 -5.46
C VAL A 12 -0.51 -17.67 -3.98
N ILE A 13 -0.46 -16.64 -3.15
CA ILE A 13 -0.36 -16.82 -1.67
C ILE A 13 -1.74 -16.79 -1.07
N PRO A 14 -2.07 -17.69 -0.14
CA PRO A 14 -3.33 -17.62 0.58
C PRO A 14 -3.56 -16.29 1.27
N ALA A 15 -4.81 -15.89 1.35
CA ALA A 15 -5.21 -14.56 1.79
C ALA A 15 -4.70 -14.17 3.16
N ALA A 16 -4.85 -15.08 4.16
CA ALA A 16 -4.49 -14.69 5.51
C ALA A 16 -2.98 -14.48 5.64
N ARG A 17 -2.21 -15.34 5.01
CA ARG A 17 -0.74 -15.22 5.07
C ARG A 17 -0.29 -13.99 4.31
N LEU A 18 -0.89 -13.74 3.13
CA LEU A 18 -0.54 -12.55 2.38
C LEU A 18 -0.90 -11.32 3.20
N PHE A 19 -2.07 -11.30 3.85
CA PHE A 19 -2.46 -10.15 4.64
C PHE A 19 -1.45 -9.91 5.79
N LYS A 20 -1.05 -10.99 6.47
CA LYS A 20 -0.12 -10.91 7.59
CA LYS A 20 -0.12 -10.90 7.58
C LYS A 20 1.21 -10.31 7.15
N ALA A 21 1.70 -10.70 5.96
CA ALA A 21 3.00 -10.27 5.47
C ALA A 21 2.92 -8.93 4.73
N PHE A 22 2.18 -8.90 3.62
CA PHE A 22 2.12 -7.75 2.71
C PHE A 22 1.48 -6.55 3.35
N ILE A 23 0.41 -6.76 4.12
CA ILE A 23 -0.29 -5.65 4.77
CA ILE A 23 -0.29 -5.64 4.79
C ILE A 23 0.29 -5.39 6.16
N LEU A 24 0.19 -6.37 7.04
CA LEU A 24 0.50 -6.10 8.44
C LEU A 24 2.01 -5.92 8.70
N ASP A 25 2.88 -6.47 7.84
CA ASP A 25 4.34 -6.37 8.06
C ASP A 25 5.08 -5.70 6.95
N GLY A 26 4.40 -4.86 6.20
CA GLY A 26 5.09 -4.15 5.14
C GLY A 26 6.21 -3.24 5.60
N ASP A 27 6.12 -2.66 6.79
CA ASP A 27 7.22 -1.81 7.28
C ASP A 27 8.57 -2.52 7.31
N ASN A 28 8.56 -3.79 7.69
CA ASN A 28 9.76 -4.62 7.68
CA ASN A 28 9.73 -4.65 7.67
C ASN A 28 10.00 -5.13 6.28
N LEU A 29 8.97 -5.68 5.65
CA LEU A 29 9.21 -6.39 4.44
C LEU A 29 9.56 -5.52 3.27
N PHE A 30 8.89 -4.40 3.05
CA PHE A 30 9.11 -3.68 1.79
C PHE A 30 10.56 -3.25 1.58
N PRO A 31 11.22 -2.65 2.60
CA PRO A 31 12.60 -2.26 2.36
C PRO A 31 13.52 -3.44 2.18
N LYS A 32 13.15 -4.58 2.75
CA LYS A 32 13.96 -5.79 2.65
C LYS A 32 13.86 -6.47 1.29
N VAL A 33 12.63 -6.63 0.80
CA VAL A 33 12.40 -7.42 -0.42
C VAL A 33 12.38 -6.56 -1.63
N ALA A 34 12.14 -5.25 -1.50
CA ALA A 34 12.05 -4.35 -2.65
C ALA A 34 12.80 -3.07 -2.36
N PRO A 35 14.10 -3.14 -2.05
CA PRO A 35 14.86 -1.94 -1.74
C PRO A 35 14.99 -1.00 -2.90
N GLN A 36 14.82 -1.48 -4.11
CA GLN A 36 14.84 -0.59 -5.25
CA GLN A 36 14.87 -0.55 -5.24
C GLN A 36 13.52 0.07 -5.49
N ALA A 37 12.53 -0.20 -4.68
CA ALA A 37 11.20 0.44 -4.72
C ALA A 37 10.90 1.31 -3.49
N ILE A 38 11.35 0.85 -2.32
CA ILE A 38 11.12 1.52 -1.04
CA ILE A 38 11.13 1.58 -1.06
C ILE A 38 12.43 1.49 -0.26
N SER A 39 13.00 2.64 0.07
CA SER A 39 14.29 2.64 0.77
CA SER A 39 14.27 2.70 0.81
CA SER A 39 14.28 2.72 0.77
C SER A 39 14.12 2.40 2.27
N SER A 40 13.08 2.94 2.90
CA SER A 40 12.83 2.76 4.33
C SER A 40 11.40 3.08 4.65
N VAL A 41 10.97 2.56 5.79
CA VAL A 41 9.67 2.86 6.38
C VAL A 41 9.88 3.21 7.85
N GLU A 42 9.50 4.40 8.24
CA GLU A 42 9.63 4.92 9.59
C GLU A 42 8.29 5.01 10.26
N ASN A 43 8.11 4.42 11.43
CA ASN A 43 6.94 4.66 12.24
C ASN A 43 7.12 5.99 12.93
N ILE A 44 6.20 6.91 12.69
N ILE A 44 6.19 6.90 12.70
CA ILE A 44 6.24 8.26 13.28
CA ILE A 44 6.24 8.26 13.28
C ILE A 44 5.43 8.32 14.56
C ILE A 44 5.43 8.33 14.55
N GLU A 45 4.24 7.76 14.55
CA GLU A 45 3.36 7.79 15.73
C GLU A 45 2.40 6.63 15.61
N GLY A 46 2.04 6.04 16.73
CA GLY A 46 0.99 5.05 16.76
C GLY A 46 1.50 3.64 16.75
N ASN A 47 0.69 2.77 17.16
CA ASN A 47 1.13 1.41 17.44
C ASN A 47 0.51 0.39 16.48
N GLY A 48 -0.04 0.87 15.30
CA GLY A 48 -0.41 0.01 14.17
C GLY A 48 -1.87 0.12 13.74
N GLY A 49 -2.72 0.62 14.59
CA GLY A 49 -4.11 0.75 14.28
C GLY A 49 -4.41 2.11 13.69
N PRO A 50 -5.71 2.42 13.56
CA PRO A 50 -6.18 3.70 13.07
C PRO A 50 -5.38 4.86 13.62
N GLY A 51 -4.92 5.71 12.73
CA GLY A 51 -4.19 6.86 13.08
C GLY A 51 -2.68 6.75 13.02
N THR A 52 -2.16 5.53 12.92
CA THR A 52 -0.73 5.36 12.88
C THR A 52 -0.14 6.03 11.65
N ILE A 53 0.95 6.77 11.83
CA ILE A 53 1.57 7.55 10.76
C ILE A 53 2.94 6.90 10.47
N LYS A 54 3.20 6.64 9.21
CA LYS A 54 4.49 6.09 8.74
CA LYS A 54 4.47 6.11 8.72
C LYS A 54 5.04 6.97 7.64
N LYS A 55 6.32 7.14 7.59
CA LYS A 55 7.00 7.86 6.53
C LYS A 55 7.71 6.87 5.64
N ILE A 56 7.27 6.79 4.38
CA ILE A 56 7.80 5.85 3.39
C ILE A 56 8.71 6.64 2.49
N SER A 57 10.01 6.31 2.51
CA SER A 57 10.98 6.98 1.66
C SER A 57 11.27 6.16 0.42
N PHE A 58 11.41 6.84 -0.69
CA PHE A 58 11.73 6.23 -1.97
C PHE A 58 13.20 6.33 -2.26
N PRO A 59 13.73 5.42 -3.08
CA PRO A 59 15.10 5.49 -3.47
C PRO A 59 15.44 6.75 -4.22
N GLU A 60 16.72 7.06 -4.27
CA GLU A 60 17.21 8.13 -5.08
C GLU A 60 16.75 7.92 -6.52
N GLY A 61 16.45 9.04 -7.19
CA GLY A 61 16.03 9.02 -8.60
C GLY A 61 14.56 8.74 -8.83
N PHE A 62 13.80 8.44 -7.79
CA PHE A 62 12.38 8.30 -7.95
C PHE A 62 11.69 9.66 -8.09
N PRO A 63 10.48 9.68 -8.65
CA PRO A 63 9.80 10.96 -8.81
C PRO A 63 9.59 11.75 -7.55
N PHE A 64 9.31 11.05 -6.45
CA PHE A 64 9.01 11.65 -5.16
C PHE A 64 10.04 11.21 -4.13
N LYS A 65 10.25 12.06 -3.13
CA LYS A 65 11.17 11.77 -2.04
C LYS A 65 10.57 10.80 -1.02
N TYR A 66 9.35 11.11 -0.59
CA TYR A 66 8.68 10.33 0.43
C TYR A 66 7.20 10.57 0.40
N VAL A 67 6.45 9.70 1.07
CA VAL A 67 5.08 10.05 1.48
C VAL A 67 4.91 9.68 2.92
N LYS A 68 4.03 10.36 3.61
CA LYS A 68 3.53 9.93 4.91
CA LYS A 68 3.53 9.91 4.89
C LYS A 68 2.14 9.33 4.72
N ASP A 69 1.98 8.13 5.23
CA ASP A 69 0.73 7.41 5.17
C ASP A 69 0.15 7.27 6.55
N ARG A 70 -1.15 7.24 6.62
CA ARG A 70 -1.87 7.10 7.86
C ARG A 70 -2.74 5.85 7.74
N VAL A 71 -2.63 4.95 8.72
CA VAL A 71 -3.52 3.81 8.79
C VAL A 71 -4.91 4.33 9.13
N ASP A 72 -5.93 3.91 8.37
CA ASP A 72 -7.33 4.30 8.62
C ASP A 72 -8.09 3.20 9.36
N GLU A 73 -8.00 1.98 8.87
CA GLU A 73 -8.76 0.85 9.44
CA GLU A 73 -8.76 0.87 9.43
C GLU A 73 -8.03 -0.43 9.09
N VAL A 74 -8.05 -1.40 10.01
CA VAL A 74 -7.40 -2.68 9.82
C VAL A 74 -8.37 -3.76 10.26
N ASP A 75 -8.85 -4.55 9.32
CA ASP A 75 -9.84 -5.59 9.60
C ASP A 75 -9.18 -6.95 9.43
N HIS A 76 -8.79 -7.55 10.53
CA HIS A 76 -8.03 -8.82 10.60
C HIS A 76 -8.89 -9.98 10.27
N THR A 77 -10.23 -9.84 10.32
CA THR A 77 -11.14 -10.93 9.99
C THR A 77 -11.38 -10.98 8.48
N ASN A 78 -11.71 -9.83 7.86
CA ASN A 78 -12.08 -9.74 6.45
C ASN A 78 -10.93 -9.37 5.55
N PHE A 79 -9.73 -9.23 6.11
CA PHE A 79 -8.50 -8.93 5.38
C PHE A 79 -8.69 -7.65 4.57
N LYS A 80 -9.17 -6.62 5.26
CA LYS A 80 -9.39 -5.29 4.69
C LYS A 80 -8.45 -4.33 5.37
N TYR A 81 -7.84 -3.45 4.61
CA TYR A 81 -6.92 -2.47 5.11
C TYR A 81 -7.11 -1.17 4.38
N ASN A 82 -7.35 -0.12 5.14
CA ASN A 82 -7.56 1.19 4.59
CA ASN A 82 -7.59 1.21 4.61
C ASN A 82 -6.48 2.11 5.10
N TYR A 83 -5.90 2.90 4.23
CA TYR A 83 -4.84 3.82 4.61
C TYR A 83 -4.88 5.00 3.68
N SER A 84 -4.33 6.12 4.11
CA SER A 84 -4.33 7.33 3.31
C SER A 84 -2.95 7.94 3.19
N VAL A 85 -2.65 8.45 2.00
CA VAL A 85 -1.45 9.23 1.74
C VAL A 85 -1.83 10.66 2.14
N ILE A 86 -1.16 11.21 3.15
CA ILE A 86 -1.55 12.46 3.77
CA ILE A 86 -1.58 12.48 3.70
C ILE A 86 -0.53 13.58 3.69
N GLU A 87 0.71 13.30 3.24
CA GLU A 87 1.76 14.30 3.11
C GLU A 87 2.82 13.76 2.19
N GLY A 88 3.54 14.67 1.52
CA GLY A 88 4.68 14.28 0.73
C GLY A 88 4.26 13.91 -0.69
N GLY A 89 5.27 13.75 -1.55
CA GLY A 89 5.06 13.27 -2.91
C GLY A 89 4.04 14.11 -3.66
N PRO A 90 2.93 13.53 -4.11
CA PRO A 90 1.98 14.31 -4.88
C PRO A 90 1.09 15.22 -4.02
N ILE A 91 1.13 15.11 -2.70
CA ILE A 91 0.25 15.87 -1.83
CA ILE A 91 0.24 15.88 -1.81
C ILE A 91 0.71 17.32 -1.73
N GLY A 92 -0.22 18.25 -1.87
CA GLY A 92 0.13 19.65 -1.79
C GLY A 92 -1.07 20.48 -2.19
N ASP A 93 -0.80 21.57 -2.90
CA ASP A 93 -1.83 22.53 -3.17
C ASP A 93 -2.86 22.07 -4.21
N THR A 94 -2.65 20.94 -4.87
CA THR A 94 -3.60 20.41 -5.86
C THR A 94 -4.27 19.11 -5.37
N LEU A 95 -3.71 18.47 -4.39
CA LEU A 95 -4.11 17.11 -4.00
C LEU A 95 -3.97 17.05 -2.50
N GLU A 96 -5.07 16.90 -1.82
CA GLU A 96 -5.09 16.88 -0.38
C GLU A 96 -4.78 15.53 0.28
N LYS A 97 -5.25 14.48 -0.34
CA LYS A 97 -5.06 13.15 0.23
CA LYS A 97 -5.20 13.17 0.27
C LYS A 97 -5.42 12.12 -0.80
N ILE A 98 -4.84 10.93 -0.66
CA ILE A 98 -5.24 9.78 -1.41
C ILE A 98 -5.72 8.74 -0.42
N SER A 99 -7.00 8.35 -0.43
CA SER A 99 -7.54 7.35 0.48
CA SER A 99 -7.44 7.31 0.48
C SER A 99 -7.57 6.00 -0.25
N ASN A 100 -7.08 4.94 0.37
CA ASN A 100 -6.94 3.66 -0.27
C ASN A 100 -7.61 2.60 0.54
N GLU A 101 -8.16 1.61 -0.14
N GLU A 101 -8.19 1.63 -0.15
CA GLU A 101 -8.81 0.49 0.49
CA GLU A 101 -8.79 0.47 0.48
C GLU A 101 -8.33 -0.76 -0.26
C GLU A 101 -8.30 -0.76 -0.27
N ILE A 102 -7.80 -1.72 0.50
CA ILE A 102 -7.37 -3.01 -0.04
C ILE A 102 -8.21 -4.09 0.63
N LYS A 103 -8.68 -5.04 -0.11
CA LYS A 103 -9.35 -6.20 0.42
C LYS A 103 -8.74 -7.41 -0.24
N ILE A 104 -8.41 -8.42 0.57
CA ILE A 104 -7.78 -9.66 0.04
C ILE A 104 -8.76 -10.77 0.27
N VAL A 105 -9.12 -11.48 -0.79
CA VAL A 105 -10.14 -12.52 -0.76
CA VAL A 105 -10.12 -12.53 -0.67
C VAL A 105 -9.52 -13.84 -1.13
N ALA A 106 -9.83 -14.89 -0.39
CA ALA A 106 -9.35 -16.22 -0.70
C ALA A 106 -9.98 -16.76 -1.97
N THR A 107 -9.21 -17.54 -2.73
CA THR A 107 -9.75 -18.31 -3.84
C THR A 107 -9.55 -19.81 -3.56
N PRO A 108 -10.44 -20.63 -4.18
CA PRO A 108 -10.42 -22.06 -3.83
C PRO A 108 -9.17 -22.78 -4.29
N ASP A 109 -8.43 -22.21 -5.24
CA ASP A 109 -7.19 -22.79 -5.69
C ASP A 109 -6.07 -22.61 -4.67
N GLY A 110 -6.29 -21.83 -3.58
CA GLY A 110 -5.33 -21.57 -2.55
C GLY A 110 -4.59 -20.29 -2.73
N GLY A 111 -4.96 -19.49 -3.74
CA GLY A 111 -4.44 -18.17 -3.88
C GLY A 111 -5.38 -17.12 -3.35
N SER A 112 -5.21 -15.90 -3.86
CA SER A 112 -6.05 -14.82 -3.41
CA SER A 112 -5.89 -14.70 -3.36
C SER A 112 -6.24 -13.79 -4.53
N ILE A 113 -7.24 -12.94 -4.31
CA ILE A 113 -7.55 -11.80 -5.16
C ILE A 113 -7.45 -10.57 -4.31
N LEU A 114 -6.75 -9.56 -4.80
CA LEU A 114 -6.67 -8.30 -4.13
C LEU A 114 -7.51 -7.26 -4.89
N LYS A 115 -8.41 -6.62 -4.16
CA LYS A 115 -9.34 -5.58 -4.70
C LYS A 115 -8.88 -4.28 -4.10
N ILE A 116 -8.54 -3.35 -4.97
CA ILE A 116 -7.90 -2.11 -4.57
CA ILE A 116 -7.90 -2.11 -4.54
C ILE A 116 -8.68 -0.91 -5.06
N SER A 117 -8.93 0.03 -4.16
CA SER A 117 -9.54 1.31 -4.50
CA SER A 117 -9.54 1.30 -4.49
CA SER A 117 -9.47 1.31 -4.60
C SER A 117 -8.60 2.43 -4.08
N ASN A 118 -8.36 3.40 -4.98
CA ASN A 118 -7.52 4.58 -4.71
C ASN A 118 -8.42 5.79 -4.99
N LYS A 119 -8.73 6.61 -3.95
CA LYS A 119 -9.57 7.81 -4.06
C LYS A 119 -8.78 9.06 -3.84
N TYR A 120 -8.65 9.85 -4.90
CA TYR A 120 -7.88 11.06 -4.89
C TYR A 120 -8.78 12.22 -4.52
N HIS A 121 -8.45 12.94 -3.45
CA HIS A 121 -9.23 14.09 -2.94
C HIS A 121 -8.49 15.35 -3.32
N THR A 122 -9.03 16.08 -4.27
CA THR A 122 -8.38 17.24 -4.80
CA THR A 122 -8.35 17.25 -4.75
C THR A 122 -9.01 18.49 -4.19
N LYS A 123 -8.17 19.51 -4.14
CA LYS A 123 -8.35 20.84 -3.59
C LYS A 123 -8.73 21.62 -4.80
N GLY A 124 -9.94 22.17 -4.85
CA GLY A 124 -10.41 22.79 -6.08
C GLY A 124 -10.72 21.72 -7.10
N ASP A 125 -10.26 21.88 -8.35
CA ASP A 125 -10.46 20.83 -9.34
C ASP A 125 -9.27 20.62 -10.26
N HIS A 126 -8.30 19.83 -9.80
CA HIS A 126 -7.11 19.51 -10.59
C HIS A 126 -7.12 18.05 -11.00
N GLU A 127 -7.60 17.79 -12.22
CA GLU A 127 -7.66 16.47 -12.72
C GLU A 127 -6.49 15.55 -12.29
N VAL A 128 -6.86 14.36 -11.85
CA VAL A 128 -5.85 13.32 -11.65
C VAL A 128 -5.59 12.65 -13.02
N LYS A 129 -4.32 12.48 -13.38
CA LYS A 129 -3.91 11.96 -14.69
C LYS A 129 -3.67 10.45 -14.70
N ALA A 130 -3.91 9.81 -15.84
CA ALA A 130 -3.69 8.36 -15.97
C ALA A 130 -2.27 7.93 -15.56
N GLU A 131 -1.25 8.75 -15.78
CA GLU A 131 0.13 8.36 -15.39
C GLU A 131 0.32 8.28 -13.89
N GLN A 132 -0.35 9.11 -13.14
CA GLN A 132 -0.25 9.06 -11.67
C GLN A 132 -0.88 7.78 -11.09
N VAL A 133 -2.04 7.42 -11.64
CA VAL A 133 -2.74 6.21 -11.26
C VAL A 133 -1.90 4.98 -11.67
N LYS A 134 -1.33 5.00 -12.86
CA LYS A 134 -0.50 3.93 -13.37
C LYS A 134 0.70 3.74 -12.45
N ALA A 135 1.32 4.83 -12.07
CA ALA A 135 2.51 4.74 -11.21
C ALA A 135 2.18 4.07 -9.90
N SER A 136 1.05 4.38 -9.29
CA SER A 136 0.62 3.78 -8.04
CA SER A 136 0.66 3.78 -8.03
C SER A 136 0.37 2.30 -8.21
N LYS A 137 -0.29 1.93 -9.30
CA LYS A 137 -0.59 0.54 -9.58
C LYS A 137 0.69 -0.25 -9.78
N GLU A 138 1.65 0.32 -10.51
CA GLU A 138 2.92 -0.32 -10.79
C GLU A 138 3.71 -0.53 -9.49
N MET A 139 3.71 0.47 -8.65
CA MET A 139 4.37 0.35 -7.35
CA MET A 139 4.39 0.33 -7.36
C MET A 139 3.74 -0.76 -6.53
N GLY A 140 2.42 -0.75 -6.43
CA GLY A 140 1.75 -1.79 -5.63
C GLY A 140 2.01 -3.17 -6.18
N GLU A 141 2.02 -3.32 -7.51
CA GLU A 141 2.32 -4.62 -8.15
C GLU A 141 3.75 -5.05 -7.89
N THR A 142 4.70 -4.13 -7.98
CA THR A 142 6.11 -4.46 -7.71
C THR A 142 6.28 -4.96 -6.30
N LEU A 143 5.66 -4.27 -5.35
CA LEU A 143 5.74 -4.66 -3.94
C LEU A 143 5.06 -6.00 -3.71
N LEU A 144 3.91 -6.20 -4.31
CA LEU A 144 3.20 -7.49 -4.19
C LEU A 144 4.05 -8.64 -4.70
N ARG A 145 4.60 -8.48 -5.89
CA ARG A 145 5.38 -9.57 -6.47
C ARG A 145 6.65 -9.86 -5.65
N ALA A 146 7.28 -8.83 -5.11
CA ALA A 146 8.46 -9.02 -4.27
C ALA A 146 8.11 -9.76 -2.98
N VAL A 147 7.02 -9.38 -2.34
CA VAL A 147 6.57 -10.08 -1.16
C VAL A 147 6.16 -11.49 -1.48
N GLU A 148 5.45 -11.70 -2.57
CA GLU A 148 5.07 -13.03 -2.97
CA GLU A 148 5.10 -13.04 -3.01
C GLU A 148 6.30 -13.92 -3.16
N SER A 149 7.30 -13.42 -3.87
CA SER A 149 8.51 -14.20 -4.05
C SER A 149 9.18 -14.58 -2.73
N TYR A 150 9.24 -13.62 -1.81
CA TYR A 150 9.79 -13.89 -0.49
C TYR A 150 9.00 -14.98 0.25
N LEU A 151 7.68 -14.91 0.22
CA LEU A 151 6.82 -15.87 0.88
C LEU A 151 6.93 -17.26 0.29
N LEU A 152 7.15 -17.32 -1.03
CA LEU A 152 7.34 -18.57 -1.69
C LEU A 152 8.67 -19.24 -1.24
N ALA A 153 9.69 -18.41 -1.03
CA ALA A 153 11.04 -18.86 -0.74
C ALA A 153 11.29 -19.08 0.75
N HIS A 154 10.47 -18.51 1.62
CA HIS A 154 10.63 -18.60 3.08
C HIS A 154 9.36 -19.21 3.64
N SER A 155 9.23 -20.52 3.59
CA SER A 155 8.01 -21.20 3.97
C SER A 155 7.66 -21.04 5.44
N ASP A 156 8.63 -20.74 6.31
CA ASP A 156 8.31 -20.63 7.71
C ASP A 156 7.97 -19.21 8.16
N ALA A 157 7.93 -18.29 7.21
CA ALA A 157 7.63 -16.89 7.50
C ALA A 157 6.13 -16.65 7.43
N TYR A 158 5.59 -15.98 8.43
CA TYR A 158 4.20 -15.57 8.47
C TYR A 158 3.26 -16.76 8.42
N ASN A 159 3.72 -17.86 9.06
N ASN A 159 3.76 -17.94 8.86
CA ASN A 159 3.14 -19.21 9.08
CA ASN A 159 3.18 -19.29 8.64
C ASN A 159 3.62 -20.08 7.93
C ASN A 159 2.50 -19.80 9.89
#